data_7PSK
#
_entry.id   7PSK
#
_cell.length_a   82.889
_cell.length_b   44.573
_cell.length_c   136.897
_cell.angle_alpha   90.000
_cell.angle_beta   97.599
_cell.angle_gamma   90.000
#
_symmetry.space_group_name_H-M   'I 1 2 1'
#
loop_
_entity.id
_entity.type
_entity.pdbx_description
1 polymer Beta-glucuronidase
2 branched '2-acetamido-2-deoxy-6-O-sulfo-alpha-D-glucopyranose-(1-4)-(2R,3S,5R,6R)-2,3,4,5,6-pentakis(oxidanyl)cyclohexane-1-carboxylic acid'
3 water water
#
_entity_poly.entity_id   1
_entity_poly.type   'polypeptide(L)'
_entity_poly.pdbx_seq_one_letter_code
;MAFARGGLAQTASQTTSSPVRVGLSVDASALGHTIPPDYTGLSYEQAQMANPNYFSGANTQLAGFLRTLGRQGVLRIGGN
TSEYTFWNRHAKPTAADEHLAAGPDKGHHAAAREVITPEAVNNLSEFLDKTGWKLIYGLNLGKGTPENAADEAAYVMETI
GADRLLAFQLGNEPDLFYRNGIRPASYDFAAYAGDWQRFFTAIRKRVPNAPFAGPDTAYNTKWLVPFADKFKHDVKFISS
HYYAEGPPTDPSMTIERLMKPNPRLLGETAGLKQVEADTGLPFRLTETNSCYQGGKQGVSDTFAAALWAGDLMYQQAAAG
STGINFHGGGYGWYTPVAGTPEDGFIARPEYYGMLLFAQAGAGQLLGAKLTDNSAAPLLTAYALRGTDGRTRIALFNKNL
DADVEVAISGVASPSGTVLRLEAPRADDTTDVTFGGAPVGASGSWSPLVQEYVPGHSGQFVLHMRKASGALLEFA
;
_entity_poly.pdbx_strand_id   A
#
# COMPACT_ATOMS: atom_id res chain seq x y z
N SER A 18 -14.56 -29.33 -11.34
CA SER A 18 -13.42 -30.29 -11.11
C SER A 18 -12.38 -29.53 -10.28
N PRO A 19 -12.79 -29.05 -9.10
CA PRO A 19 -11.90 -28.17 -8.35
C PRO A 19 -10.76 -29.01 -7.76
N VAL A 20 -9.68 -28.36 -7.48
CA VAL A 20 -8.62 -28.96 -6.65
C VAL A 20 -9.10 -28.89 -5.21
N ARG A 21 -9.12 -30.03 -4.53
CA ARG A 21 -9.64 -30.09 -3.15
C ARG A 21 -8.49 -29.92 -2.22
N VAL A 22 -8.51 -28.79 -1.48
CA VAL A 22 -7.42 -28.43 -0.57
C VAL A 22 -7.98 -28.33 0.83
N GLY A 23 -7.08 -28.46 1.79
CA GLY A 23 -7.45 -28.28 3.19
C GLY A 23 -6.87 -26.95 3.70
N LEU A 24 -7.64 -26.28 4.51
CA LEU A 24 -7.16 -25.09 5.24
C LEU A 24 -7.45 -25.29 6.70
N SER A 25 -6.40 -25.23 7.50
CA SER A 25 -6.50 -25.42 8.96
C SER A 25 -6.19 -24.12 9.67
N VAL A 26 -7.16 -23.57 10.34
CA VAL A 26 -6.96 -22.33 11.13
C VAL A 26 -6.54 -22.74 12.52
N ASP A 27 -5.53 -22.10 13.06
CA ASP A 27 -5.07 -22.36 14.42
C ASP A 27 -5.11 -21.09 15.22
N ALA A 28 -6.08 -20.97 16.07
CA ALA A 28 -6.26 -19.77 16.92
C ALA A 28 -5.14 -19.61 17.91
N SER A 29 -4.38 -20.65 18.13
CA SER A 29 -3.25 -20.57 19.07
C SER A 29 -1.95 -20.19 18.39
N ALA A 30 -1.93 -20.10 17.07
CA ALA A 30 -0.73 -19.77 16.32
C ALA A 30 -0.79 -18.28 16.03
N LEU A 31 -0.28 -17.50 16.92
CA LEU A 31 -0.48 -16.04 16.87
C LEU A 31 0.54 -15.41 15.97
N GLY A 32 0.04 -14.59 15.06
CA GLY A 32 0.90 -13.75 14.21
C GLY A 32 0.84 -12.31 14.63
N HIS A 33 1.21 -11.48 13.67
CA HIS A 33 1.19 -10.02 13.86
C HIS A 33 -0.20 -9.49 13.99
N THR A 34 -0.31 -8.41 14.74
CA THR A 34 -1.55 -7.63 14.86
C THR A 34 -1.51 -6.56 13.78
N ILE A 35 -2.48 -6.55 12.91
CA ILE A 35 -2.57 -5.57 11.83
C ILE A 35 -2.95 -4.26 12.44
N PRO A 36 -2.17 -3.21 12.23
CA PRO A 36 -2.55 -1.90 12.80
C PRO A 36 -3.68 -1.29 12.01
N PRO A 37 -4.46 -0.41 12.65
CA PRO A 37 -5.63 0.16 11.99
C PRO A 37 -5.28 1.08 10.80
N ASP A 38 -4.05 1.62 10.81
CA ASP A 38 -3.61 2.53 9.73
C ASP A 38 -2.69 1.79 8.78
N TYR A 39 -2.84 0.48 8.63
CA TYR A 39 -2.03 -0.29 7.70
C TYR A 39 -2.22 0.16 6.26
N THR A 40 -3.47 0.37 5.83
CA THR A 40 -3.67 0.67 4.43
C THR A 40 -3.10 2.06 4.07
N GLY A 41 -3.00 2.29 2.79
CA GLY A 41 -2.56 3.60 2.34
C GLY A 41 -2.34 3.66 0.88
N LEU A 42 -2.11 4.88 0.45
CA LEU A 42 -1.87 5.26 -0.93
C LEU A 42 -0.67 6.14 -1.01
N SER A 43 -0.02 6.13 -2.16
CA SER A 43 1.11 6.99 -2.45
C SER A 43 0.78 7.79 -3.69
N TYR A 44 1.09 9.07 -3.65
CA TYR A 44 0.86 10.01 -4.72
C TYR A 44 2.08 10.83 -4.96
N GLU A 45 2.10 11.47 -6.14
CA GLU A 45 3.19 12.39 -6.48
C GLU A 45 3.00 13.73 -5.77
N GLN A 46 4.15 14.25 -5.37
CA GLN A 46 4.22 15.61 -4.78
C GLN A 46 3.66 16.62 -5.76
N ALA A 47 3.82 16.42 -7.04
CA ALA A 47 3.30 17.36 -8.03
C ALA A 47 1.79 17.51 -7.91
N GLN A 48 1.07 16.58 -7.33
CA GLN A 48 -0.38 16.81 -7.15
C GLN A 48 -0.62 18.06 -6.32
N MET A 49 0.31 18.38 -5.41
N MET A 49 0.23 18.42 -5.45
CA MET A 49 0.28 19.56 -4.49
CA MET A 49 -0.16 19.59 -4.68
C MET A 49 0.39 20.88 -5.28
C MET A 49 0.02 20.89 -5.45
N ALA A 50 0.61 20.84 -6.61
CA ALA A 50 0.58 22.02 -7.49
C ALA A 50 -0.84 22.45 -7.74
N ASN A 51 -1.83 21.58 -7.59
CA ASN A 51 -3.26 21.95 -7.75
C ASN A 51 -3.90 21.88 -6.38
N PRO A 52 -4.22 23.01 -5.73
CA PRO A 52 -4.81 22.95 -4.41
C PRO A 52 -6.25 22.35 -4.41
N ASN A 53 -6.79 22.03 -5.55
CA ASN A 53 -8.11 21.38 -5.63
C ASN A 53 -8.00 19.88 -5.51
N TYR A 54 -6.80 19.33 -5.42
CA TYR A 54 -6.68 17.87 -5.49
C TYR A 54 -6.81 17.30 -4.09
N PHE A 55 -5.84 17.55 -3.22
CA PHE A 55 -5.98 17.18 -1.83
C PHE A 55 -6.62 18.37 -1.15
N SER A 56 -7.93 18.36 -1.14
CA SER A 56 -8.72 19.51 -0.65
C SER A 56 -9.93 18.97 0.07
N GLY A 57 -10.48 19.74 1.00
CA GLY A 57 -11.78 19.36 1.56
C GLY A 57 -12.87 19.41 0.50
N ALA A 58 -12.69 20.12 -0.56
CA ALA A 58 -13.66 20.18 -1.68
C ALA A 58 -13.66 18.88 -2.49
N ASN A 59 -12.61 18.06 -2.37
CA ASN A 59 -12.49 16.84 -3.18
C ASN A 59 -13.15 15.74 -2.41
N THR A 60 -14.48 15.80 -2.39
CA THR A 60 -15.29 14.85 -1.63
C THR A 60 -15.22 13.47 -2.30
N GLN A 61 -15.13 13.45 -3.59
CA GLN A 61 -15.06 12.15 -4.28
C GLN A 61 -13.85 11.37 -3.82
N LEU A 62 -12.69 11.98 -3.93
CA LEU A 62 -11.46 11.25 -3.59
C LEU A 62 -11.48 10.91 -2.12
N ALA A 63 -11.92 11.84 -1.27
CA ALA A 63 -11.95 11.56 0.17
C ALA A 63 -12.80 10.32 0.43
N GLY A 64 -13.93 10.17 -0.29
CA GLY A 64 -14.77 9.01 -0.08
C GLY A 64 -14.13 7.72 -0.52
N PHE A 65 -13.35 7.76 -1.59
CA PHE A 65 -12.60 6.54 -1.98
C PHE A 65 -11.59 6.20 -0.91
N LEU A 66 -10.94 7.17 -0.27
CA LEU A 66 -9.99 6.82 0.79
C LEU A 66 -10.68 6.26 2.01
N ARG A 67 -11.80 6.88 2.40
CA ARG A 67 -12.52 6.40 3.61
C ARG A 67 -12.95 4.95 3.41
N THR A 68 -13.37 4.58 2.21
CA THR A 68 -13.81 3.19 1.96
C THR A 68 -12.62 2.25 2.10
N LEU A 69 -11.39 2.72 1.79
CA LEU A 69 -10.23 1.86 1.93
C LEU A 69 -9.81 1.71 3.38
N GLY A 70 -10.18 2.64 4.24
CA GLY A 70 -9.96 2.47 5.65
C GLY A 70 -10.31 3.67 6.44
N ARG A 71 -10.88 3.41 7.60
CA ARG A 71 -11.18 4.49 8.53
C ARG A 71 -9.90 5.12 9.04
N GLN A 72 -8.82 4.36 9.04
CA GLN A 72 -7.49 4.86 9.28
C GLN A 72 -6.62 4.35 8.15
N GLY A 73 -5.56 5.06 7.89
CA GLY A 73 -4.69 4.80 6.74
C GLY A 73 -3.69 5.92 6.62
N VAL A 74 -2.81 5.81 5.64
CA VAL A 74 -1.78 6.84 5.43
C VAL A 74 -1.75 7.26 4.00
N LEU A 75 -1.76 8.56 3.80
CA LEU A 75 -1.50 9.18 2.52
C LEU A 75 -0.05 9.58 2.48
N ARG A 76 0.70 8.97 1.56
CA ARG A 76 2.11 9.32 1.33
C ARG A 76 2.15 10.17 0.07
N ILE A 77 2.84 11.30 0.19
CA ILE A 77 3.03 12.20 -0.96
C ILE A 77 4.52 12.29 -1.16
N GLY A 78 5.01 12.02 -2.34
CA GLY A 78 6.44 12.10 -2.60
C GLY A 78 6.71 11.76 -4.04
N GLY A 79 7.44 10.70 -4.30
CA GLY A 79 7.65 10.26 -5.67
C GLY A 79 8.71 11.08 -6.37
N ASN A 80 8.96 10.70 -7.58
CA ASN A 80 10.00 11.36 -8.39
C ASN A 80 9.66 12.82 -8.59
N THR A 81 8.41 13.19 -8.57
CA THR A 81 8.12 14.62 -8.79
C THR A 81 8.59 15.46 -7.61
N SER A 82 8.90 14.90 -6.50
CA SER A 82 9.49 15.64 -5.39
C SER A 82 10.92 16.07 -5.71
N GLU A 83 11.45 15.72 -6.83
CA GLU A 83 12.73 16.31 -7.33
C GLU A 83 12.49 17.73 -7.78
N TYR A 84 11.31 18.05 -8.24
CA TYR A 84 11.17 19.33 -8.99
C TYR A 84 9.92 20.04 -8.53
N THR A 85 9.43 19.71 -7.37
CA THR A 85 8.32 20.44 -6.77
C THR A 85 8.90 21.29 -5.66
N PHE A 86 8.55 22.56 -5.64
CA PHE A 86 9.18 23.58 -4.77
C PHE A 86 8.09 24.31 -4.01
N TRP A 87 8.19 24.22 -2.71
CA TRP A 87 7.41 25.06 -1.79
C TRP A 87 7.82 26.49 -2.02
N ASN A 88 6.82 27.36 -2.08
CA ASN A 88 7.03 28.79 -2.21
C ASN A 88 6.05 29.44 -1.25
N ARG A 89 6.53 29.84 -0.10
CA ARG A 89 5.73 30.59 0.86
C ARG A 89 5.28 31.89 0.21
N HIS A 90 6.07 32.40 -0.73
CA HIS A 90 5.83 33.67 -1.48
C HIS A 90 4.83 33.50 -2.62
N ALA A 91 4.26 32.31 -2.89
CA ALA A 91 3.37 32.10 -4.07
C ALA A 91 1.86 32.08 -3.74
N LYS A 92 1.06 32.41 -4.76
CA LYS A 92 -0.43 32.27 -4.80
C LYS A 92 -0.78 31.28 -5.91
N ALA A 112 11.11 21.09 -16.12
CA ALA A 112 9.89 20.76 -15.33
C ALA A 112 10.05 21.35 -13.92
N ARG A 113 9.00 22.01 -13.44
CA ARG A 113 9.06 22.69 -12.13
C ARG A 113 7.62 22.90 -11.65
N GLU A 114 7.32 22.49 -10.42
CA GLU A 114 5.99 22.70 -9.86
C GLU A 114 6.13 23.42 -8.55
N VAL A 115 5.10 24.15 -8.19
CA VAL A 115 5.14 25.01 -7.00
C VAL A 115 4.05 24.62 -6.03
N ILE A 116 4.41 24.46 -4.80
CA ILE A 116 3.46 24.21 -3.69
C ILE A 116 3.26 25.53 -2.97
N THR A 117 2.04 25.94 -2.81
CA THR A 117 1.66 27.20 -2.12
C THR A 117 1.12 26.90 -0.74
N PRO A 118 1.10 27.92 0.13
CA PRO A 118 0.43 27.75 1.40
C PRO A 118 -1.00 27.21 1.27
N GLU A 119 -1.72 27.73 0.31
CA GLU A 119 -3.12 27.30 0.11
C GLU A 119 -3.19 25.78 -0.09
N ALA A 120 -2.25 25.23 -0.86
CA ALA A 120 -2.22 23.79 -1.10
C ALA A 120 -2.02 23.04 0.21
N VAL A 121 -1.14 23.52 1.06
CA VAL A 121 -0.94 22.83 2.34
C VAL A 121 -2.16 22.96 3.22
N ASN A 122 -2.75 24.16 3.09
N ASN A 122 -2.73 24.14 3.47
CA ASN A 122 -3.94 24.45 3.88
CA ASN A 122 -4.02 24.25 4.21
C ASN A 122 -5.01 23.38 3.59
C ASN A 122 -5.09 23.33 3.57
N ASN A 123 -5.19 23.26 2.28
CA ASN A 123 -6.22 22.36 1.74
C ASN A 123 -5.89 20.91 2.03
N LEU A 124 -4.61 20.52 2.02
CA LEU A 124 -4.24 19.15 2.35
C LEU A 124 -4.64 18.86 3.77
N SER A 125 -4.54 19.83 4.69
CA SER A 125 -4.92 19.56 6.08
C SER A 125 -6.42 19.25 6.14
N GLU A 126 -7.19 19.97 5.36
CA GLU A 126 -8.66 19.75 5.36
C GLU A 126 -8.94 18.36 4.78
N PHE A 127 -8.23 17.97 3.72
CA PHE A 127 -8.39 16.62 3.15
C PHE A 127 -8.06 15.56 4.16
N LEU A 128 -7.04 15.70 4.94
CA LEU A 128 -6.68 14.71 5.96
C LEU A 128 -7.78 14.67 7.01
N ASP A 129 -8.36 15.80 7.37
CA ASP A 129 -9.50 15.81 8.30
C ASP A 129 -10.71 15.08 7.72
N LYS A 130 -11.02 15.19 6.45
CA LYS A 130 -12.20 14.55 5.85
C LYS A 130 -11.98 13.06 5.76
N THR A 131 -10.74 12.62 5.64
CA THR A 131 -10.46 11.21 5.38
C THR A 131 -10.15 10.52 6.69
N GLY A 132 -9.62 11.19 7.66
CA GLY A 132 -9.05 10.59 8.88
C GLY A 132 -7.68 9.96 8.70
N TRP A 133 -7.06 10.09 7.53
CA TRP A 133 -5.76 9.45 7.27
C TRP A 133 -4.64 10.34 7.78
N LYS A 134 -3.51 9.73 8.04
CA LYS A 134 -2.28 10.43 8.41
C LYS A 134 -1.46 10.67 7.16
N LEU A 135 -0.41 11.43 7.31
CA LEU A 135 0.39 11.95 6.19
C LEU A 135 1.85 11.60 6.30
N ILE A 136 2.42 11.11 5.19
CA ILE A 136 3.87 11.08 4.99
C ILE A 136 4.14 12.07 3.90
N TYR A 137 5.02 13.06 4.14
CA TYR A 137 5.17 14.19 3.25
C TYR A 137 6.62 14.28 2.79
N GLY A 138 6.79 14.25 1.48
CA GLY A 138 8.14 14.37 0.90
C GLY A 138 8.64 15.81 0.87
N LEU A 139 9.90 15.95 1.14
CA LEU A 139 10.61 17.22 0.99
C LEU A 139 11.61 17.09 -0.12
N ASN A 140 12.00 18.21 -0.68
CA ASN A 140 12.81 18.21 -1.90
C ASN A 140 14.26 18.31 -1.54
N LEU A 141 14.87 17.16 -1.38
CA LEU A 141 16.33 17.02 -1.16
C LEU A 141 17.07 16.89 -2.47
N GLY A 142 16.40 16.48 -3.51
CA GLY A 142 17.06 16.35 -4.81
C GLY A 142 17.50 17.68 -5.37
N LYS A 143 16.64 18.66 -5.40
CA LYS A 143 17.04 19.94 -6.00
C LYS A 143 16.81 21.08 -5.07
N GLY A 144 16.08 20.96 -3.98
CA GLY A 144 15.81 22.09 -3.12
C GLY A 144 16.90 22.38 -2.15
N THR A 145 16.67 23.40 -1.34
CA THR A 145 17.65 23.78 -0.32
C THR A 145 17.20 23.28 1.03
N PRO A 146 18.15 23.12 1.97
CA PRO A 146 17.77 22.81 3.33
C PRO A 146 16.87 23.86 3.94
N GLU A 147 17.12 25.12 3.67
CA GLU A 147 16.33 26.21 4.29
C GLU A 147 14.92 26.18 3.75
N ASN A 148 14.74 25.89 2.48
CA ASN A 148 13.36 25.82 1.97
C ASN A 148 12.66 24.58 2.51
N ALA A 149 13.38 23.48 2.68
CA ALA A 149 12.76 22.29 3.30
C ALA A 149 12.37 22.60 4.74
N ALA A 150 13.19 23.33 5.45
CA ALA A 150 12.84 23.69 6.83
C ALA A 150 11.59 24.55 6.83
N ASP A 151 11.50 25.46 5.86
CA ASP A 151 10.35 26.38 5.79
C ASP A 151 9.08 25.64 5.42
N GLU A 152 9.17 24.69 4.49
CA GLU A 152 8.04 23.87 4.06
C GLU A 152 7.62 23.01 5.24
N ALA A 153 8.56 22.34 5.86
CA ALA A 153 8.26 21.49 7.00
C ALA A 153 7.59 22.32 8.08
N ALA A 154 8.07 23.53 8.32
CA ALA A 154 7.45 24.38 9.35
C ALA A 154 6.01 24.67 9.00
N TYR A 155 5.71 24.94 7.78
CA TYR A 155 4.34 25.28 7.42
C TYR A 155 3.44 24.05 7.48
N VAL A 156 3.97 22.91 7.07
CA VAL A 156 3.22 21.65 7.25
C VAL A 156 2.98 21.40 8.71
N MET A 157 3.92 21.54 9.56
CA MET A 157 3.68 21.31 11.00
C MET A 157 2.73 22.37 11.56
N GLU A 158 2.74 23.59 11.04
CA GLU A 158 1.86 24.67 11.50
C GLU A 158 0.43 24.30 11.18
N THR A 159 0.19 23.71 10.05
CA THR A 159 -1.19 23.57 9.56
C THR A 159 -1.73 22.16 9.62
N ILE A 160 -0.89 21.18 9.48
CA ILE A 160 -1.31 19.77 9.53
C ILE A 160 -1.07 19.32 10.93
N GLY A 161 0.08 19.62 11.48
CA GLY A 161 0.30 19.40 12.91
C GLY A 161 0.70 17.96 13.20
N ALA A 162 1.21 17.78 14.40
CA ALA A 162 1.95 16.59 14.82
C ALA A 162 1.04 15.36 14.84
N ASP A 163 -0.25 15.49 15.09
CA ASP A 163 -1.11 14.30 15.19
C ASP A 163 -1.24 13.67 13.79
N ARG A 164 -1.48 14.51 12.79
CA ARG A 164 -1.83 14.06 11.42
C ARG A 164 -0.54 13.73 10.68
N LEU A 165 0.58 14.35 11.00
CA LEU A 165 1.81 14.17 10.22
C LEU A 165 2.58 13.03 10.83
N LEU A 166 2.73 11.97 10.08
CA LEU A 166 3.44 10.80 10.53
C LEU A 166 4.93 10.96 10.31
N ALA A 167 5.35 11.47 9.14
CA ALA A 167 6.78 11.61 8.81
C ALA A 167 6.99 12.51 7.65
N PHE A 168 8.09 13.25 7.70
CA PHE A 168 8.69 13.83 6.50
C PHE A 168 9.69 12.83 5.94
N GLN A 169 9.87 12.88 4.63
CA GLN A 169 10.94 12.11 3.97
C GLN A 169 11.82 13.06 3.18
N LEU A 170 13.10 12.83 3.24
CA LEU A 170 14.09 13.72 2.60
C LEU A 170 14.57 13.09 1.29
N GLY A 171 13.78 13.30 0.26
CA GLY A 171 14.04 12.72 -1.05
C GLY A 171 13.35 11.38 -1.21
N ASN A 172 13.01 11.08 -2.43
CA ASN A 172 12.46 9.82 -2.88
C ASN A 172 13.50 9.06 -3.66
N GLU A 173 13.69 7.80 -3.34
CA GLU A 173 14.61 6.92 -4.11
C GLU A 173 15.92 7.63 -4.40
N PRO A 174 16.65 8.05 -3.37
CA PRO A 174 17.91 8.78 -3.57
C PRO A 174 18.97 7.94 -4.27
N ASP A 175 18.89 6.64 -4.12
CA ASP A 175 19.80 5.72 -4.86
C ASP A 175 19.57 5.80 -6.34
N LEU A 176 18.51 6.38 -6.81
CA LEU A 176 18.25 6.46 -8.24
C LEU A 176 18.38 7.89 -8.73
N PHE A 177 18.78 8.83 -7.87
CA PHE A 177 19.00 10.21 -8.33
C PHE A 177 19.92 10.25 -9.56
N TYR A 178 20.90 9.39 -9.61
CA TYR A 178 21.87 9.46 -10.74
C TYR A 178 21.20 9.15 -12.06
N ARG A 179 20.08 8.44 -12.07
CA ARG A 179 19.54 7.93 -13.35
C ARG A 179 19.16 9.09 -14.25
N ASN A 180 18.79 10.23 -13.67
CA ASN A 180 18.39 11.41 -14.47
C ASN A 180 19.22 12.64 -14.06
N GLY A 181 20.40 12.41 -13.52
CA GLY A 181 21.33 13.54 -13.30
C GLY A 181 20.94 14.37 -12.11
N ILE A 182 19.96 13.97 -11.27
CA ILE A 182 19.69 14.73 -10.02
C ILE A 182 20.95 14.73 -9.16
N ARG A 183 21.74 13.67 -9.28
CA ARG A 183 23.08 13.59 -8.71
C ARG A 183 23.97 12.94 -9.76
N PRO A 184 25.27 13.12 -9.62
CA PRO A 184 26.23 12.43 -10.46
C PRO A 184 26.25 10.95 -10.12
N ALA A 185 26.86 10.18 -11.01
CA ALA A 185 26.95 8.71 -10.88
C ALA A 185 27.66 8.36 -9.59
N SER A 186 28.55 9.19 -9.07
CA SER A 186 29.35 8.92 -7.88
C SER A 186 28.49 9.02 -6.61
N TYR A 187 27.28 9.55 -6.70
CA TYR A 187 26.46 9.74 -5.49
C TYR A 187 26.29 8.38 -4.81
N ASP A 188 26.58 8.32 -3.54
CA ASP A 188 26.52 7.08 -2.80
C ASP A 188 25.90 7.35 -1.46
N PHE A 189 25.86 6.34 -0.60
CA PHE A 189 25.22 6.50 0.71
C PHE A 189 25.93 7.59 1.48
N ALA A 190 27.24 7.67 1.48
CA ALA A 190 27.96 8.73 2.23
C ALA A 190 27.49 10.10 1.75
N ALA A 191 27.40 10.30 0.47
CA ALA A 191 26.96 11.58 -0.05
C ALA A 191 25.56 11.89 0.44
N TYR A 192 24.71 10.86 0.42
N TYR A 192 24.63 10.96 0.20
CA TYR A 192 23.30 11.06 0.74
CA TYR A 192 23.24 11.08 0.66
C TYR A 192 23.16 11.30 2.23
C TYR A 192 23.17 11.32 2.16
N ALA A 193 23.93 10.60 2.99
CA ALA A 193 23.93 10.83 4.44
C ALA A 193 24.30 12.27 4.76
N GLY A 194 25.25 12.82 4.03
CA GLY A 194 25.62 14.23 4.26
C GLY A 194 24.47 15.13 3.90
N ASP A 195 23.83 14.90 2.77
CA ASP A 195 22.65 15.69 2.41
C ASP A 195 21.54 15.53 3.45
N TRP A 196 21.27 14.31 3.82
CA TRP A 196 20.17 14.00 4.77
C TRP A 196 20.41 14.76 6.05
N GLN A 197 21.64 14.69 6.56
CA GLN A 197 21.97 15.35 7.83
C GLN A 197 21.85 16.85 7.68
N ARG A 198 22.30 17.45 6.59
CA ARG A 198 22.14 18.90 6.43
C ARG A 198 20.67 19.27 6.44
N PHE A 199 19.85 18.54 5.73
CA PHE A 199 18.41 18.85 5.71
C PHE A 199 17.80 18.63 7.08
N PHE A 200 18.08 17.50 7.69
CA PHE A 200 17.52 17.19 9.01
C PHE A 200 17.87 18.30 10.00
N THR A 201 19.12 18.70 10.03
CA THR A 201 19.52 19.74 10.98
C THR A 201 18.78 21.02 10.71
N ALA A 202 18.68 21.46 9.47
CA ALA A 202 17.98 22.70 9.17
C ALA A 202 16.53 22.56 9.56
N ILE A 203 15.88 21.47 9.23
CA ILE A 203 14.45 21.28 9.55
C ILE A 203 14.26 21.30 11.04
N ARG A 204 15.06 20.58 11.76
CA ARG A 204 14.89 20.50 13.23
C ARG A 204 15.07 21.86 13.88
N LYS A 205 15.83 22.79 13.31
CA LYS A 205 15.89 24.17 13.88
C LYS A 205 14.54 24.83 13.75
N ARG A 206 13.80 24.68 12.70
CA ARG A 206 12.50 25.33 12.51
C ARG A 206 11.41 24.49 13.15
N VAL A 207 11.63 23.20 13.33
CA VAL A 207 10.50 22.29 13.65
C VAL A 207 11.14 21.26 14.57
N PRO A 208 11.34 21.55 15.87
CA PRO A 208 12.08 20.67 16.74
C PRO A 208 11.44 19.26 16.87
N ASN A 209 10.18 19.20 16.66
CA ASN A 209 9.42 17.94 16.80
C ASN A 209 9.23 17.27 15.42
N ALA A 210 9.93 17.70 14.39
CA ALA A 210 9.70 17.12 13.06
C ALA A 210 10.01 15.64 13.06
N PRO A 211 9.07 14.79 12.61
CA PRO A 211 9.33 13.36 12.49
C PRO A 211 9.81 13.03 11.08
N PHE A 212 10.66 12.00 11.00
CA PHE A 212 11.23 11.59 9.74
C PHE A 212 11.09 10.09 9.52
N ALA A 213 11.10 9.73 8.26
CA ALA A 213 11.27 8.34 7.84
C ALA A 213 12.21 8.32 6.67
N GLY A 214 12.83 7.20 6.39
CA GLY A 214 13.64 7.05 5.20
C GLY A 214 14.09 5.63 5.09
N PRO A 215 14.86 5.30 4.06
CA PRO A 215 15.37 6.18 3.03
C PRO A 215 14.46 6.30 1.80
N ASP A 216 13.25 5.73 1.87
CA ASP A 216 12.26 5.92 0.79
C ASP A 216 12.78 5.27 -0.49
N THR A 217 13.31 4.06 -0.36
CA THR A 217 13.65 3.28 -1.55
C THR A 217 13.47 1.81 -1.27
N ALA A 218 13.66 1.00 -2.34
CA ALA A 218 13.63 -0.46 -2.11
C ALA A 218 14.78 -0.91 -1.23
N TYR A 219 14.58 -1.96 -0.45
CA TYR A 219 15.64 -2.56 0.35
C TYR A 219 16.84 -2.77 -0.54
N ASN A 220 17.96 -2.38 0.01
CA ASN A 220 19.24 -2.74 -0.59
C ASN A 220 20.28 -2.59 0.48
N THR A 221 21.45 -3.12 0.18
CA THR A 221 22.50 -3.21 1.19
C THR A 221 23.37 -1.98 1.19
N LYS A 222 23.40 -1.27 0.09
CA LYS A 222 24.30 -0.10 0.03
C LYS A 222 23.62 1.15 0.48
N TRP A 223 22.29 1.20 0.61
CA TRP A 223 21.59 2.43 0.99
C TRP A 223 20.73 2.20 2.23
N LEU A 224 19.79 1.24 2.15
CA LEU A 224 18.80 1.17 3.23
C LEU A 224 19.43 0.69 4.52
N VAL A 225 20.21 -0.39 4.46
CA VAL A 225 20.84 -0.95 5.68
C VAL A 225 21.67 0.11 6.37
N PRO A 226 22.62 0.79 5.68
CA PRO A 226 23.40 1.80 6.36
C PRO A 226 22.60 3.03 6.80
N PHE A 227 21.54 3.35 6.06
CA PHE A 227 20.65 4.43 6.50
C PHE A 227 20.13 4.14 7.89
N ALA A 228 19.61 2.92 8.07
CA ALA A 228 19.01 2.54 9.35
C ALA A 228 20.07 2.60 10.44
N ASP A 229 21.24 2.09 10.14
CA ASP A 229 22.31 2.07 11.18
C ASP A 229 22.68 3.49 11.58
N LYS A 230 22.78 4.39 10.63
CA LYS A 230 23.33 5.74 10.90
C LYS A 230 22.23 6.61 11.50
N PHE A 231 20.99 6.47 11.04
CA PHE A 231 19.95 7.44 11.39
C PHE A 231 18.86 6.88 12.27
N LYS A 232 19.14 5.75 12.92
CA LYS A 232 18.08 5.11 13.72
C LYS A 232 17.54 6.00 14.81
N HIS A 233 18.29 6.91 15.40
CA HIS A 233 17.73 7.76 16.46
C HIS A 233 17.00 8.96 15.86
N ASP A 234 17.08 9.16 14.56
CA ASP A 234 16.57 10.37 13.90
C ASP A 234 15.31 10.08 13.12
N VAL A 235 14.94 8.83 12.92
CA VAL A 235 13.74 8.49 12.16
C VAL A 235 12.79 7.71 13.05
N LYS A 236 11.58 7.71 12.66
CA LYS A 236 10.52 6.94 13.33
C LYS A 236 10.42 5.54 12.75
N PHE A 237 10.64 5.37 11.48
CA PHE A 237 10.49 4.03 10.84
C PHE A 237 11.28 4.10 9.57
N ILE A 238 11.50 2.93 9.04
CA ILE A 238 12.10 2.68 7.72
C ILE A 238 11.01 2.68 6.70
N SER A 239 11.21 3.45 5.65
N SER A 239 11.30 3.35 5.60
CA SER A 239 10.36 3.44 4.44
CA SER A 239 10.38 3.57 4.48
C SER A 239 11.07 2.75 3.30
C SER A 239 10.99 2.87 3.26
N SER A 240 10.39 1.77 2.80
CA SER A 240 10.87 0.93 1.70
C SER A 240 9.89 1.01 0.55
N HIS A 241 10.37 0.65 -0.62
CA HIS A 241 9.54 0.58 -1.82
C HIS A 241 9.60 -0.81 -2.38
N TYR A 242 8.64 -1.21 -3.16
CA TYR A 242 8.61 -2.55 -3.79
C TYR A 242 7.75 -2.51 -5.01
N TYR A 243 8.30 -2.85 -6.19
N TYR A 243 8.29 -3.13 -6.04
CA TYR A 243 7.53 -3.14 -7.42
CA TYR A 243 7.52 -3.36 -7.25
C TYR A 243 7.73 -4.62 -7.79
C TYR A 243 7.71 -4.82 -7.57
N ALA A 244 6.64 -5.39 -8.02
CA ALA A 244 6.75 -6.83 -8.34
C ALA A 244 7.60 -7.01 -9.59
N GLU A 245 7.49 -6.14 -10.53
CA GLU A 245 8.34 -6.15 -11.73
C GLU A 245 9.78 -5.91 -11.30
N GLY A 246 10.67 -6.78 -11.76
CA GLY A 246 12.12 -6.64 -11.52
C GLY A 246 12.75 -5.70 -12.51
N PRO A 247 14.11 -5.73 -12.55
CA PRO A 247 14.90 -4.96 -13.51
C PRO A 247 14.42 -5.19 -14.92
N PRO A 248 14.64 -4.23 -15.84
CA PRO A 248 13.99 -4.25 -17.14
C PRO A 248 14.56 -5.33 -18.06
N THR A 249 15.66 -5.97 -17.65
CA THR A 249 16.18 -7.13 -18.41
C THR A 249 15.29 -8.35 -18.21
N ASP A 250 14.38 -8.36 -17.20
CA ASP A 250 13.48 -9.52 -16.94
C ASP A 250 12.53 -9.63 -18.11
N PRO A 251 11.93 -10.82 -18.32
CA PRO A 251 10.85 -10.99 -19.29
C PRO A 251 9.77 -10.00 -18.88
N SER A 252 9.04 -9.38 -19.81
CA SER A 252 8.05 -8.35 -19.39
C SER A 252 7.07 -9.06 -18.44
N MET A 253 6.86 -8.43 -17.29
CA MET A 253 5.92 -8.93 -16.26
CA MET A 253 5.84 -8.76 -16.30
C MET A 253 4.63 -9.33 -17.00
N THR A 254 4.07 -10.42 -16.52
CA THR A 254 2.81 -10.95 -17.04
C THR A 254 1.89 -11.19 -15.84
N ILE A 255 0.64 -11.37 -16.13
CA ILE A 255 -0.30 -11.77 -15.09
C ILE A 255 0.16 -13.07 -14.47
N GLU A 256 0.59 -14.03 -15.28
CA GLU A 256 1.04 -15.34 -14.75
C GLU A 256 2.13 -15.13 -13.72
N ARG A 257 3.09 -14.31 -14.03
CA ARG A 257 4.21 -14.11 -13.12
C ARG A 257 3.75 -13.31 -11.90
N LEU A 258 2.83 -12.38 -12.07
CA LEU A 258 2.39 -11.55 -10.95
C LEU A 258 1.72 -12.40 -9.91
N MET A 259 1.08 -13.48 -10.29
CA MET A 259 0.37 -14.34 -9.36
C MET A 259 1.28 -15.24 -8.58
N LYS A 260 2.54 -15.37 -8.99
CA LYS A 260 3.49 -16.32 -8.36
C LYS A 260 4.23 -15.65 -7.24
N PRO A 261 4.78 -16.43 -6.32
CA PRO A 261 5.65 -15.84 -5.32
C PRO A 261 6.78 -15.05 -5.96
N ASN A 262 7.22 -14.04 -5.26
CA ASN A 262 8.35 -13.22 -5.69
C ASN A 262 9.45 -13.44 -4.68
N PRO A 263 10.49 -14.23 -5.04
CA PRO A 263 11.56 -14.49 -4.07
C PRO A 263 12.32 -13.23 -3.66
N ARG A 264 12.38 -12.27 -4.50
CA ARG A 264 13.07 -11.03 -4.16
C ARG A 264 12.27 -10.34 -3.04
N LEU A 265 10.93 -10.32 -3.11
CA LEU A 265 10.12 -9.72 -2.04
C LEU A 265 10.40 -10.42 -0.75
N LEU A 266 10.48 -11.72 -0.78
CA LEU A 266 10.71 -12.44 0.47
C LEU A 266 12.07 -12.07 1.04
N GLY A 267 13.05 -11.95 0.21
CA GLY A 267 14.40 -11.62 0.67
C GLY A 267 14.45 -10.20 1.21
N GLU A 268 13.87 -9.25 0.53
CA GLU A 268 13.87 -7.86 0.99
C GLU A 268 13.10 -7.74 2.28
N THR A 269 12.00 -8.45 2.38
CA THR A 269 11.23 -8.41 3.63
C THR A 269 12.09 -8.93 4.77
N ALA A 270 12.76 -10.06 4.58
CA ALA A 270 13.67 -10.58 5.61
C ALA A 270 14.74 -9.55 5.92
N GLY A 271 15.22 -8.85 4.92
CA GLY A 271 16.21 -7.82 5.22
C GLY A 271 15.66 -6.73 6.10
N LEU A 272 14.43 -6.30 5.84
CA LEU A 272 13.77 -5.26 6.65
C LEU A 272 13.52 -5.76 8.05
N LYS A 273 13.16 -7.03 8.21
CA LYS A 273 12.99 -7.59 9.55
C LYS A 273 14.30 -7.60 10.30
N GLN A 274 15.39 -7.88 9.64
CA GLN A 274 16.70 -7.88 10.30
C GLN A 274 17.07 -6.43 10.68
N VAL A 275 16.79 -5.50 9.81
CA VAL A 275 17.02 -4.08 10.16
C VAL A 275 16.23 -3.74 11.41
N GLU A 276 14.97 -4.12 11.46
CA GLU A 276 14.15 -3.83 12.63
C GLU A 276 14.75 -4.47 13.87
N ALA A 277 15.22 -5.69 13.76
CA ALA A 277 15.82 -6.35 14.93
C ALA A 277 17.05 -5.58 15.35
N ASP A 278 17.87 -5.14 14.43
CA ASP A 278 19.16 -4.51 14.72
C ASP A 278 18.98 -3.10 15.23
N THR A 279 18.00 -2.36 14.76
CA THR A 279 17.88 -0.92 15.00
C THR A 279 16.67 -0.54 15.80
N GLY A 280 15.70 -1.42 15.95
CA GLY A 280 14.41 -1.09 16.54
C GLY A 280 13.43 -0.44 15.58
N LEU A 281 13.81 -0.13 14.36
CA LEU A 281 12.91 0.62 13.45
C LEU A 281 11.93 -0.31 12.77
N PRO A 282 10.64 -0.04 12.92
CA PRO A 282 9.66 -0.75 12.11
C PRO A 282 9.79 -0.32 10.65
N PHE A 283 9.10 -1.01 9.78
CA PHE A 283 9.15 -0.70 8.35
C PHE A 283 7.77 -0.55 7.80
N ARG A 284 7.62 0.34 6.85
CA ARG A 284 6.40 0.57 6.08
C ARG A 284 6.74 0.59 4.61
N LEU A 285 5.90 -0.01 3.79
CA LEU A 285 6.10 -0.04 2.33
C LEU A 285 5.45 1.19 1.72
N THR A 286 6.21 2.25 1.61
CA THR A 286 5.64 3.57 1.31
C THR A 286 5.45 3.86 -0.17
N GLU A 287 5.91 2.99 -1.07
CA GLU A 287 5.55 3.12 -2.49
C GLU A 287 5.60 1.72 -3.06
N THR A 288 4.48 1.25 -3.55
CA THR A 288 4.46 -0.07 -4.18
C THR A 288 3.45 -0.06 -5.29
N ASN A 289 3.73 -0.85 -6.31
CA ASN A 289 2.69 -1.27 -7.23
C ASN A 289 3.24 -2.41 -8.06
N SER A 290 2.44 -2.92 -8.94
CA SER A 290 2.73 -4.16 -9.67
C SER A 290 3.93 -3.99 -10.56
N CYS A 291 3.95 -2.95 -11.33
CA CYS A 291 4.96 -2.64 -12.31
C CYS A 291 5.33 -1.20 -12.14
N TYR A 292 6.55 -0.86 -12.41
CA TYR A 292 7.01 0.53 -12.30
C TYR A 292 6.82 1.19 -13.66
N GLN A 293 7.39 2.38 -13.74
N GLN A 293 7.29 2.43 -13.82
CA GLN A 293 7.17 3.30 -14.87
CA GLN A 293 7.03 3.25 -15.03
C GLN A 293 5.67 3.38 -15.23
C GLN A 293 5.53 3.44 -15.29
N GLY A 294 4.80 3.58 -14.21
CA GLY A 294 3.38 3.89 -14.35
C GLY A 294 2.50 2.66 -14.50
N GLY A 295 3.10 1.49 -14.50
CA GLY A 295 2.33 0.28 -14.66
C GLY A 295 2.35 -0.23 -16.07
N LYS A 296 1.96 -1.46 -16.25
CA LYS A 296 1.97 -2.11 -17.55
C LYS A 296 0.54 -2.39 -17.95
N GLN A 297 0.08 -1.80 -19.04
N GLN A 297 0.21 -1.99 -19.15
CA GLN A 297 -1.27 -2.04 -19.57
CA GLN A 297 -1.12 -2.23 -19.72
C GLN A 297 -1.43 -3.53 -19.86
C GLN A 297 -1.33 -3.72 -19.83
N GLY A 298 -2.51 -4.15 -19.39
CA GLY A 298 -2.84 -5.55 -19.51
C GLY A 298 -2.35 -6.34 -18.32
N VAL A 299 -1.65 -5.70 -17.37
CA VAL A 299 -1.27 -6.34 -16.10
C VAL A 299 -1.75 -5.47 -14.97
N SER A 300 -1.20 -4.28 -14.88
CA SER A 300 -1.43 -3.43 -13.70
C SER A 300 -2.84 -2.92 -13.58
N ASP A 301 -3.52 -2.75 -14.72
CA ASP A 301 -4.86 -2.19 -14.76
C ASP A 301 -5.91 -3.30 -14.81
N THR A 302 -5.58 -4.48 -14.35
CA THR A 302 -6.49 -5.62 -14.52
C THR A 302 -6.88 -6.20 -13.17
N PHE A 303 -7.88 -7.07 -13.23
CA PHE A 303 -8.35 -7.78 -12.04
C PHE A 303 -7.22 -8.53 -11.37
N ALA A 304 -6.26 -9.03 -12.12
CA ALA A 304 -5.13 -9.73 -11.47
C ALA A 304 -4.47 -8.79 -10.48
N ALA A 305 -4.42 -7.53 -10.75
CA ALA A 305 -3.79 -6.59 -9.81
C ALA A 305 -4.57 -6.52 -8.50
N ALA A 306 -5.86 -6.71 -8.52
CA ALA A 306 -6.66 -6.77 -7.26
C ALA A 306 -6.19 -7.95 -6.45
N LEU A 307 -6.08 -9.11 -7.07
CA LEU A 307 -5.63 -10.31 -6.35
C LEU A 307 -4.22 -10.12 -5.84
N TRP A 308 -3.35 -9.58 -6.67
CA TRP A 308 -1.97 -9.31 -6.26
C TRP A 308 -1.93 -8.37 -5.08
N ALA A 309 -2.65 -7.29 -5.17
CA ALA A 309 -2.57 -6.21 -4.15
C ALA A 309 -3.14 -6.69 -2.85
N GLY A 310 -4.31 -7.31 -2.89
CA GLY A 310 -4.90 -7.76 -1.65
C GLY A 310 -4.03 -8.79 -0.97
N ASP A 311 -3.50 -9.72 -1.74
CA ASP A 311 -2.59 -10.74 -1.21
C ASP A 311 -1.35 -10.06 -0.66
N LEU A 312 -0.78 -9.12 -1.35
CA LEU A 312 0.43 -8.46 -0.89
C LEU A 312 0.19 -7.77 0.44
N MET A 313 -0.94 -7.13 0.58
CA MET A 313 -1.25 -6.46 1.85
C MET A 313 -1.14 -7.47 3.00
N TYR A 314 -1.78 -8.61 2.83
CA TYR A 314 -1.75 -9.64 3.89
C TYR A 314 -0.38 -10.27 4.04
N GLN A 315 0.29 -10.56 2.95
CA GLN A 315 1.59 -11.18 3.03
C GLN A 315 2.50 -10.29 3.86
N GLN A 316 2.50 -9.00 3.56
CA GLN A 316 3.39 -8.09 4.26
C GLN A 316 2.94 -7.84 5.69
N ALA A 317 1.64 -7.84 5.96
CA ALA A 317 1.19 -7.70 7.33
C ALA A 317 1.66 -8.92 8.13
N ALA A 318 1.52 -10.08 7.56
CA ALA A 318 1.94 -11.33 8.23
C ALA A 318 3.43 -11.32 8.47
N ALA A 319 4.19 -10.60 7.68
CA ALA A 319 5.64 -10.50 7.84
C ALA A 319 5.99 -9.40 8.84
N GLY A 320 5.07 -8.64 9.35
CA GLY A 320 5.39 -7.62 10.35
C GLY A 320 5.46 -6.22 9.81
N SER A 321 5.11 -5.95 8.57
CA SER A 321 5.10 -4.59 8.09
C SER A 321 4.05 -3.75 8.80
N THR A 322 4.32 -2.47 8.97
CA THR A 322 3.38 -1.57 9.60
C THR A 322 2.38 -1.01 8.62
N GLY A 323 2.56 -1.18 7.32
CA GLY A 323 1.62 -0.63 6.37
C GLY A 323 2.13 -0.54 4.99
N ILE A 324 1.32 0.02 4.14
CA ILE A 324 1.52 -0.04 2.70
C ILE A 324 0.99 1.22 2.08
N ASN A 325 1.50 1.56 0.90
CA ASN A 325 1.04 2.74 0.18
C ASN A 325 1.16 2.45 -1.31
N PHE A 326 0.05 2.15 -1.94
CA PHE A 326 0.05 1.81 -3.36
C PHE A 326 0.11 3.09 -4.18
N HIS A 327 1.07 3.18 -5.08
CA HIS A 327 1.28 4.40 -5.84
C HIS A 327 0.25 4.58 -6.91
N GLY A 328 -0.09 5.79 -7.21
CA GLY A 328 -1.13 6.09 -8.18
C GLY A 328 -1.31 7.56 -8.37
N GLY A 329 -2.41 7.87 -9.03
CA GLY A 329 -2.76 9.22 -9.46
C GLY A 329 -3.07 9.23 -10.92
N GLY A 330 -3.83 10.22 -11.32
CA GLY A 330 -4.22 10.39 -12.73
C GLY A 330 -5.02 9.22 -13.21
N TYR A 331 -4.62 8.71 -14.37
CA TYR A 331 -5.22 7.56 -15.02
C TYR A 331 -4.16 6.53 -15.31
N GLY A 332 -3.10 6.52 -14.51
CA GLY A 332 -2.01 5.60 -14.72
C GLY A 332 -2.48 4.16 -14.69
N TRP A 333 -1.80 3.28 -15.38
CA TRP A 333 -2.22 1.88 -15.45
C TRP A 333 -2.38 1.26 -14.09
N TYR A 334 -1.50 1.61 -13.17
CA TYR A 334 -1.53 0.93 -11.88
C TYR A 334 -2.35 1.66 -10.82
N THR A 335 -3.01 2.77 -11.14
CA THR A 335 -3.57 3.57 -10.04
C THR A 335 -4.73 2.85 -9.38
N PRO A 336 -4.82 2.84 -8.05
CA PRO A 336 -6.02 2.32 -7.40
C PRO A 336 -7.28 3.11 -7.72
N VAL A 337 -7.14 4.43 -7.66
CA VAL A 337 -8.25 5.34 -7.93
C VAL A 337 -7.84 6.17 -9.12
N ALA A 338 -8.66 6.21 -10.16
CA ALA A 338 -8.40 7.03 -11.35
C ALA A 338 -9.27 8.26 -11.32
N GLY A 339 -8.88 9.33 -11.96
CA GLY A 339 -9.75 10.46 -12.23
C GLY A 339 -9.19 11.76 -11.82
N THR A 340 -10.05 12.74 -11.88
CA THR A 340 -9.70 14.14 -11.57
C THR A 340 -10.87 14.79 -10.89
N PRO A 341 -10.67 15.92 -10.19
CA PRO A 341 -11.82 16.58 -9.58
C PRO A 341 -12.87 17.04 -10.59
N GLU A 342 -12.45 17.37 -11.77
CA GLU A 342 -13.35 17.94 -12.82
C GLU A 342 -14.15 16.82 -13.48
N ASP A 343 -13.52 15.66 -13.63
CA ASP A 343 -14.18 14.58 -14.41
C ASP A 343 -14.73 13.52 -13.49
N GLY A 344 -14.33 13.54 -12.23
CA GLY A 344 -14.72 12.51 -11.28
C GLY A 344 -13.70 11.40 -11.16
N PHE A 345 -13.87 10.61 -10.13
CA PHE A 345 -12.95 9.54 -9.77
C PHE A 345 -13.68 8.21 -9.84
N ILE A 346 -12.91 7.18 -10.13
N ILE A 346 -12.89 7.17 -10.10
CA ILE A 346 -13.47 5.81 -10.13
CA ILE A 346 -13.41 5.82 -10.39
C ILE A 346 -12.47 4.88 -9.50
C ILE A 346 -12.46 4.79 -9.76
N ALA A 347 -12.95 3.80 -9.02
CA ALA A 347 -12.11 2.71 -8.51
C ALA A 347 -11.68 1.83 -9.66
N ARG A 348 -10.38 1.61 -9.80
CA ARG A 348 -9.82 0.67 -10.76
C ARG A 348 -9.76 -0.69 -10.13
N PRO A 349 -9.45 -1.73 -10.92
CA PRO A 349 -9.46 -3.07 -10.38
C PRO A 349 -8.63 -3.25 -9.12
N GLU A 350 -7.43 -2.72 -9.07
CA GLU A 350 -6.59 -2.92 -7.88
C GLU A 350 -7.30 -2.44 -6.62
N TYR A 351 -8.08 -1.39 -6.69
CA TYR A 351 -8.82 -0.90 -5.51
C TYR A 351 -9.61 -2.02 -4.85
N TYR A 352 -10.16 -2.90 -5.62
CA TYR A 352 -11.06 -3.92 -5.07
C TYR A 352 -10.31 -4.93 -4.23
N GLY A 353 -9.03 -5.17 -4.48
CA GLY A 353 -8.21 -5.98 -3.57
C GLY A 353 -7.99 -5.26 -2.26
N MET A 354 -7.75 -3.96 -2.32
CA MET A 354 -7.63 -3.15 -1.11
C MET A 354 -8.95 -3.08 -0.36
N LEU A 355 -10.06 -3.08 -1.07
CA LEU A 355 -11.39 -3.07 -0.44
C LEU A 355 -11.63 -4.36 0.30
N LEU A 356 -11.18 -5.48 -0.22
CA LEU A 356 -11.36 -6.73 0.54
C LEU A 356 -10.65 -6.60 1.88
N PHE A 357 -9.43 -6.12 1.88
CA PHE A 357 -8.67 -5.90 3.11
C PHE A 357 -9.42 -4.96 4.00
N ALA A 358 -9.94 -3.89 3.51
CA ALA A 358 -10.65 -2.91 4.32
C ALA A 358 -11.82 -3.56 5.01
N GLN A 359 -12.58 -4.38 4.28
CA GLN A 359 -13.80 -4.99 4.79
C GLN A 359 -13.44 -6.02 5.79
N ALA A 360 -12.31 -6.66 5.70
CA ALA A 360 -11.89 -7.64 6.71
C ALA A 360 -11.66 -6.92 8.02
N GLY A 361 -11.00 -5.79 7.99
CA GLY A 361 -10.70 -5.01 9.17
C GLY A 361 -9.43 -5.49 9.85
N ALA A 362 -9.08 -4.88 10.95
CA ALA A 362 -7.86 -5.13 11.70
C ALA A 362 -8.07 -6.34 12.63
N GLY A 363 -6.98 -6.76 13.23
CA GLY A 363 -7.03 -7.87 14.20
C GLY A 363 -5.72 -8.54 14.17
N GLN A 364 -5.66 -9.72 14.75
CA GLN A 364 -4.42 -10.51 14.88
C GLN A 364 -4.49 -11.66 13.90
N LEU A 365 -3.44 -11.77 13.11
CA LEU A 365 -3.35 -12.88 12.16
C LEU A 365 -3.12 -14.17 12.93
N LEU A 366 -3.68 -15.24 12.38
CA LEU A 366 -3.65 -16.59 13.00
C LEU A 366 -3.03 -17.54 12.04
N GLY A 367 -2.55 -18.66 12.51
CA GLY A 367 -2.07 -19.70 11.61
C GLY A 367 -3.17 -20.20 10.71
N ALA A 368 -2.82 -20.35 9.43
CA ALA A 368 -3.76 -20.83 8.43
C ALA A 368 -2.94 -21.58 7.42
N LYS A 369 -2.90 -22.86 7.58
CA LYS A 369 -2.04 -23.73 6.76
C LYS A 369 -2.86 -24.47 5.70
N LEU A 370 -2.37 -24.41 4.48
CA LEU A 370 -2.96 -25.11 3.34
C LEU A 370 -2.27 -26.45 3.17
N THR A 371 -3.08 -27.44 2.82
CA THR A 371 -2.61 -28.82 2.49
C THR A 371 -3.28 -29.27 1.21
N ASP A 372 -2.66 -30.31 0.62
CA ASP A 372 -3.19 -30.98 -0.60
C ASP A 372 -3.35 -29.95 -1.71
N ASN A 373 -2.42 -29.00 -1.75
CA ASN A 373 -2.58 -27.79 -2.56
C ASN A 373 -1.52 -27.67 -3.61
N SER A 374 -0.72 -28.69 -3.88
CA SER A 374 0.35 -28.61 -4.90
C SER A 374 -0.23 -28.35 -6.28
N ALA A 375 -1.43 -28.79 -6.56
CA ALA A 375 -2.06 -28.58 -7.89
C ALA A 375 -2.80 -27.24 -7.94
N ALA A 376 -2.78 -26.50 -6.84
CA ALA A 376 -3.42 -25.16 -6.77
C ALA A 376 -2.46 -24.30 -5.96
N PRO A 377 -1.20 -24.20 -6.38
CA PRO A 377 -0.18 -23.65 -5.51
C PRO A 377 -0.22 -22.14 -5.27
N LEU A 378 -0.98 -21.44 -6.11
CA LEU A 378 -1.03 -19.98 -5.99
C LEU A 378 -2.24 -19.54 -5.17
N LEU A 379 -2.97 -20.45 -4.56
CA LEU A 379 -3.98 -20.06 -3.55
C LEU A 379 -3.25 -19.64 -2.30
N THR A 380 -3.61 -18.50 -1.78
CA THR A 380 -3.15 -18.03 -0.46
C THR A 380 -4.35 -17.84 0.43
N ALA A 381 -4.09 -17.90 1.72
CA ALA A 381 -5.12 -17.75 2.74
C ALA A 381 -4.53 -17.11 3.96
N TYR A 382 -5.31 -16.27 4.58
CA TYR A 382 -4.92 -15.59 5.80
C TYR A 382 -6.10 -15.59 6.74
N ALA A 383 -5.87 -16.00 7.99
CA ALA A 383 -6.92 -15.99 8.99
C ALA A 383 -6.63 -14.91 9.99
N LEU A 384 -7.68 -14.32 10.50
CA LEU A 384 -7.59 -13.13 11.35
C LEU A 384 -8.59 -13.22 12.47
N ARG A 385 -8.16 -13.00 13.69
CA ARG A 385 -9.10 -12.74 14.80
C ARG A 385 -9.36 -11.25 14.81
N GLY A 386 -10.54 -10.87 14.36
CA GLY A 386 -10.84 -9.46 14.23
C GLY A 386 -10.84 -8.78 15.57
N THR A 387 -10.59 -7.48 15.56
CA THR A 387 -10.74 -6.68 16.78
C THR A 387 -12.12 -6.86 17.38
N ASP A 388 -13.16 -7.14 16.60
CA ASP A 388 -14.51 -7.37 17.12
C ASP A 388 -14.71 -8.81 17.64
N GLY A 389 -13.69 -9.65 17.66
CA GLY A 389 -13.70 -11.03 18.16
C GLY A 389 -14.07 -12.04 17.10
N ARG A 390 -14.52 -11.63 15.92
CA ARG A 390 -14.94 -12.60 14.91
C ARG A 390 -13.75 -13.06 14.08
N THR A 391 -13.74 -14.31 13.74
CA THR A 391 -12.73 -14.85 12.82
C THR A 391 -13.10 -14.51 11.40
N ARG A 392 -12.10 -14.07 10.65
CA ARG A 392 -12.23 -13.87 9.21
C ARG A 392 -11.15 -14.63 8.49
N ILE A 393 -11.38 -14.95 7.25
CA ILE A 393 -10.39 -15.57 6.40
C ILE A 393 -10.40 -14.84 5.07
N ALA A 394 -9.26 -14.35 4.64
CA ALA A 394 -9.09 -13.78 3.29
C ALA A 394 -8.40 -14.81 2.45
N LEU A 395 -8.96 -15.16 1.32
CA LEU A 395 -8.36 -16.13 0.40
C LEU A 395 -8.19 -15.50 -0.96
N PHE A 396 -7.09 -15.80 -1.59
CA PHE A 396 -6.82 -15.32 -2.95
C PHE A 396 -6.49 -16.54 -3.78
N ASN A 397 -7.45 -16.93 -4.59
CA ASN A 397 -7.20 -18.03 -5.53
C ASN A 397 -6.54 -17.46 -6.76
N LYS A 398 -5.24 -17.30 -6.68
N LYS A 398 -5.23 -17.27 -6.68
CA LYS A 398 -4.51 -16.66 -7.78
CA LYS A 398 -4.41 -16.66 -7.76
C LYS A 398 -4.18 -17.66 -8.89
C LYS A 398 -4.02 -17.70 -8.82
N ASN A 399 -4.52 -18.94 -8.68
CA ASN A 399 -4.36 -19.92 -9.78
C ASN A 399 -5.25 -19.50 -10.94
N LEU A 400 -4.63 -19.28 -12.08
CA LEU A 400 -5.38 -18.78 -13.23
C LEU A 400 -6.23 -19.85 -13.87
N ASP A 401 -5.89 -21.09 -13.67
CA ASP A 401 -6.60 -22.17 -14.38
C ASP A 401 -7.09 -23.25 -13.44
N ALA A 402 -7.08 -23.08 -12.15
CA ALA A 402 -7.63 -24.09 -11.21
C ALA A 402 -8.67 -23.47 -10.32
N ASP A 403 -9.86 -24.00 -10.33
CA ASP A 403 -10.86 -23.79 -9.27
C ASP A 403 -10.41 -24.54 -8.03
N VAL A 404 -10.84 -24.10 -6.86
CA VAL A 404 -10.50 -24.83 -5.62
C VAL A 404 -11.76 -25.08 -4.82
N GLU A 405 -11.63 -26.12 -4.01
CA GLU A 405 -12.63 -26.44 -3.01
C GLU A 405 -11.85 -26.57 -1.73
N VAL A 406 -12.13 -25.67 -0.80
CA VAL A 406 -11.33 -25.53 0.43
C VAL A 406 -12.13 -26.08 1.60
N ALA A 407 -11.58 -27.13 2.21
CA ALA A 407 -12.14 -27.72 3.43
C ALA A 407 -11.50 -27.00 4.61
N ILE A 408 -12.30 -26.22 5.31
CA ILE A 408 -11.78 -25.36 6.39
C ILE A 408 -12.05 -26.03 7.71
N SER A 409 -10.98 -26.22 8.43
CA SER A 409 -11.02 -26.76 9.80
C SER A 409 -10.46 -25.72 10.75
N GLY A 410 -10.80 -25.84 12.03
CA GLY A 410 -10.21 -25.00 13.07
C GLY A 410 -11.07 -23.84 13.42
N VAL A 411 -12.24 -23.71 12.81
CA VAL A 411 -13.19 -22.64 13.11
C VAL A 411 -14.44 -23.28 13.66
N ALA A 412 -14.87 -22.87 14.83
CA ALA A 412 -16.13 -23.27 15.46
C ALA A 412 -17.06 -22.09 15.43
N SER A 413 -18.04 -22.11 14.56
CA SER A 413 -18.98 -21.01 14.36
C SER A 413 -20.29 -21.56 13.84
N PRO A 414 -21.42 -20.96 14.27
CA PRO A 414 -22.69 -21.41 13.74
C PRO A 414 -22.98 -20.89 12.34
N SER A 415 -22.18 -19.96 11.78
CA SER A 415 -22.55 -19.36 10.48
C SER A 415 -21.35 -18.60 9.91
N GLY A 416 -21.06 -18.91 8.69
CA GLY A 416 -20.00 -18.26 7.90
C GLY A 416 -20.61 -17.65 6.68
N THR A 417 -20.21 -16.44 6.33
CA THR A 417 -20.61 -15.82 5.06
C THR A 417 -19.38 -15.57 4.23
N VAL A 418 -19.59 -15.42 2.93
CA VAL A 418 -18.48 -15.10 2.01
C VAL A 418 -18.88 -13.89 1.18
N LEU A 419 -17.90 -13.01 0.99
CA LEU A 419 -17.97 -11.94 -0.01
C LEU A 419 -16.92 -12.28 -1.04
N ARG A 420 -17.28 -12.33 -2.30
CA ARG A 420 -16.37 -12.74 -3.37
C ARG A 420 -15.85 -11.53 -4.10
N LEU A 421 -14.58 -11.64 -4.45
CA LEU A 421 -13.85 -10.68 -5.28
C LEU A 421 -13.69 -11.33 -6.64
N GLU A 422 -14.36 -10.75 -7.63
CA GLU A 422 -14.64 -11.48 -8.88
C GLU A 422 -14.45 -10.56 -10.08
N ALA A 423 -14.07 -11.19 -11.17
CA ALA A 423 -14.14 -10.61 -12.51
C ALA A 423 -14.26 -11.77 -13.48
N PRO A 424 -14.80 -11.54 -14.68
CA PRO A 424 -15.00 -12.65 -15.59
C PRO A 424 -13.72 -13.16 -16.22
N ARG A 425 -12.62 -12.44 -16.14
CA ARG A 425 -11.35 -12.90 -16.69
C ARG A 425 -10.28 -12.18 -15.91
N ALA A 426 -9.13 -12.81 -15.81
CA ALA A 426 -8.07 -12.30 -14.94
C ALA A 426 -7.52 -11.00 -15.49
N ASP A 427 -7.56 -10.81 -16.79
CA ASP A 427 -7.04 -9.59 -17.43
C ASP A 427 -8.12 -8.55 -17.60
N ASP A 428 -9.26 -8.70 -17.01
CA ASP A 428 -10.31 -7.70 -17.18
C ASP A 428 -9.89 -6.35 -16.61
N THR A 429 -10.28 -5.31 -17.32
CA THR A 429 -10.02 -3.93 -16.89
C THR A 429 -11.23 -3.32 -16.24
N THR A 430 -12.32 -4.03 -16.29
CA THR A 430 -13.54 -3.62 -15.74
C THR A 430 -14.21 -4.93 -15.27
N ASP A 431 -15.42 -4.84 -15.03
CA ASP A 431 -16.32 -5.91 -14.65
C ASP A 431 -15.91 -6.50 -13.30
N VAL A 432 -15.28 -5.73 -12.47
CA VAL A 432 -14.78 -6.22 -11.17
C VAL A 432 -15.84 -5.90 -10.13
N THR A 433 -16.15 -6.89 -9.31
CA THR A 433 -17.09 -6.67 -8.21
C THR A 433 -16.54 -7.29 -6.92
N PHE A 434 -17.03 -6.76 -5.80
CA PHE A 434 -16.75 -7.39 -4.52
C PHE A 434 -18.06 -7.45 -3.79
N GLY A 435 -18.36 -8.61 -3.24
CA GLY A 435 -19.65 -8.76 -2.56
C GLY A 435 -20.82 -8.57 -3.52
N GLY A 436 -20.61 -8.88 -4.78
CA GLY A 436 -21.69 -8.78 -5.78
C GLY A 436 -21.97 -7.36 -6.24
N ALA A 437 -21.07 -6.42 -5.96
CA ALA A 437 -21.36 -5.02 -6.36
C ALA A 437 -20.09 -4.35 -6.78
N PRO A 438 -20.19 -3.45 -7.74
CA PRO A 438 -19.07 -2.56 -8.03
C PRO A 438 -19.03 -1.48 -6.94
N VAL A 439 -17.87 -0.84 -6.83
CA VAL A 439 -17.75 0.42 -6.11
C VAL A 439 -18.40 1.50 -6.96
N GLY A 440 -19.14 2.36 -6.33
CA GLY A 440 -19.79 3.49 -7.02
C GLY A 440 -19.02 4.78 -6.91
N ALA A 441 -19.78 5.84 -7.00
CA ALA A 441 -19.17 7.17 -6.94
C ALA A 441 -18.69 7.45 -5.54
N SER A 442 -17.57 8.16 -5.45
CA SER A 442 -17.06 8.65 -4.15
C SER A 442 -16.79 7.49 -3.23
N GLY A 443 -16.39 6.35 -3.75
CA GLY A 443 -16.05 5.24 -2.88
C GLY A 443 -17.24 4.50 -2.31
N SER A 444 -18.46 4.77 -2.75
CA SER A 444 -19.64 4.12 -2.18
C SER A 444 -19.55 2.63 -2.45
N TRP A 445 -19.77 1.81 -1.46
CA TRP A 445 -19.80 0.37 -1.66
C TRP A 445 -20.56 -0.26 -0.54
N SER A 446 -21.40 -1.21 -0.90
CA SER A 446 -22.04 -2.10 0.07
C SER A 446 -22.27 -3.42 -0.62
N PRO A 447 -22.22 -4.51 0.13
CA PRO A 447 -22.43 -5.80 -0.48
C PRO A 447 -23.85 -5.98 -0.93
N LEU A 448 -24.05 -6.65 -2.06
CA LEU A 448 -25.40 -6.94 -2.57
C LEU A 448 -25.67 -8.41 -2.66
N VAL A 449 -24.72 -9.28 -2.51
CA VAL A 449 -24.99 -10.75 -2.59
C VAL A 449 -24.68 -11.39 -1.23
N GLN A 450 -25.60 -12.11 -0.60
CA GLN A 450 -25.34 -12.84 0.68
C GLN A 450 -25.13 -14.30 0.32
N GLU A 451 -24.00 -14.86 0.73
CA GLU A 451 -23.75 -16.27 0.45
C GLU A 451 -23.23 -16.84 1.74
N TYR A 452 -23.92 -17.85 2.25
CA TYR A 452 -23.37 -18.66 3.37
C TYR A 452 -22.39 -19.69 2.84
N VAL A 453 -21.41 -20.03 3.69
CA VAL A 453 -20.43 -21.09 3.42
C VAL A 453 -20.98 -22.33 4.09
N PRO A 454 -21.26 -23.45 3.37
CA PRO A 454 -21.83 -24.59 4.08
C PRO A 454 -20.88 -25.13 5.15
N GLY A 455 -21.50 -25.46 6.27
CA GLY A 455 -20.82 -25.99 7.46
C GLY A 455 -21.40 -27.32 7.84
N HIS A 456 -20.54 -28.24 8.23
CA HIS A 456 -20.87 -29.61 8.69
C HIS A 456 -19.67 -30.20 9.42
N SER A 457 -19.93 -30.97 10.47
CA SER A 457 -18.97 -31.53 11.32
CA SER A 457 -18.89 -31.66 11.27
C SER A 457 -17.84 -30.66 11.76
N GLY A 458 -18.23 -29.42 12.11
CA GLY A 458 -17.33 -28.38 12.66
C GLY A 458 -16.43 -27.77 11.58
N GLN A 459 -16.61 -28.14 10.32
CA GLN A 459 -15.83 -27.67 9.18
C GLN A 459 -16.75 -26.86 8.26
N PHE A 460 -16.13 -26.20 7.30
CA PHE A 460 -16.80 -25.45 6.24
C PHE A 460 -16.17 -25.88 4.94
N VAL A 461 -16.96 -25.76 3.88
CA VAL A 461 -16.43 -26.02 2.53
C VAL A 461 -16.73 -24.85 1.64
N LEU A 462 -15.66 -24.26 1.14
CA LEU A 462 -15.74 -23.10 0.24
C LEU A 462 -15.21 -23.45 -1.14
N HIS A 463 -16.05 -23.21 -2.14
CA HIS A 463 -15.57 -23.25 -3.54
C HIS A 463 -15.11 -21.87 -3.97
N MET A 464 -14.05 -21.82 -4.72
CA MET A 464 -13.62 -20.55 -5.37
C MET A 464 -13.27 -20.86 -6.80
N ARG A 465 -13.75 -19.99 -7.68
CA ARG A 465 -13.35 -20.07 -9.08
C ARG A 465 -11.88 -19.73 -9.19
N LYS A 466 -11.26 -20.24 -10.24
CA LYS A 466 -9.94 -19.75 -10.67
C LYS A 466 -9.95 -18.22 -10.69
N ALA A 467 -8.82 -17.66 -10.33
CA ALA A 467 -8.62 -16.20 -10.40
C ALA A 467 -9.79 -15.50 -9.72
N SER A 468 -9.88 -15.66 -8.42
CA SER A 468 -10.91 -15.01 -7.62
C SER A 468 -10.41 -14.84 -6.20
N GLY A 469 -11.10 -14.03 -5.43
CA GLY A 469 -10.77 -13.87 -4.00
C GLY A 469 -12.02 -14.03 -3.19
N ALA A 470 -11.86 -14.16 -1.89
CA ALA A 470 -13.02 -14.35 -1.01
C ALA A 470 -12.65 -13.83 0.37
N LEU A 471 -13.61 -13.26 1.01
CA LEU A 471 -13.50 -12.86 2.42
C LEU A 471 -14.59 -13.58 3.17
N LEU A 472 -14.20 -14.39 4.12
CA LEU A 472 -15.13 -15.14 4.96
C LEU A 472 -15.19 -14.47 6.32
N GLU A 473 -16.39 -14.43 6.87
CA GLU A 473 -16.62 -13.90 8.21
C GLU A 473 -17.48 -14.91 8.95
N PHE A 474 -17.03 -15.26 10.13
CA PHE A 474 -17.69 -16.27 10.96
C PHE A 474 -18.31 -15.63 12.16
N ALA A 475 -19.55 -16.03 12.36
N ALA A 475 -19.69 -15.81 12.45
CA ALA A 475 -20.40 -15.59 13.49
CA ALA A 475 -20.24 -15.31 13.75
C ALA A 475 -19.86 -16.13 14.83
C ALA A 475 -19.57 -16.04 14.92
#